data_6K20
#
_entry.id   6K20
#
_cell.length_a   42.526
_cell.length_b   117.352
_cell.length_c   147.789
_cell.angle_alpha   90.00
_cell.angle_beta   90.00
_cell.angle_gamma   90.00
#
_symmetry.space_group_name_H-M   'P 2 21 21'
#
loop_
_entity.id
_entity.type
_entity.pdbx_description
1 polymer 'Protein adenylyltransferase SelO'
2 non-polymer 'MAGNESIUM ION'
3 water water
#
_entity_poly.entity_id   1
_entity_poly.type   'polypeptide(L)'
_entity_poly.pdbx_seq_one_letter_code
;MTLSFITRWRDELPATYTTLSPTPLNNARLIWHNAELANTLGIPSSLFKNGAGVWGGETLLPGMSPLAQVYSGHQFGVWA
GQLGDGRGILLGEQRLADGTTMDWHLKGAGLTPYSRMGDGRAVLRSTIRESLASEAMHYLGIPTTRALSIVTSDSPVYRE
TVEPGAMLMRVAPSHLRFGHFEHFYYRREPEKVRQLADFAIRHYWSHLADDEDKYRLWFTDVVARTASLIAQWQTVGFAH
GVMNTDNMSLLGLTLDYGPFGFLDDYEPGFISNHSDHQGRYSFDNQPAVALWNLQRLAQTLSPFVAVDALNEALDSYQQV
LLTHYGQRMRQKLGFMTEQKEDNALLNELFSLMARERSDYTRTFRMLSLTEQHSAASPLRDEFIDRAAFDDWFARYRGRL
QQDEVSDSERQQLMQSVNPALVLRNWLAQRAIEAAEKGDMTELHRLHEALRNPFSDRDDDYVSRPPDWGKRLEVSCSS
;
_entity_poly.pdbx_strand_id   A
#
loop_
_chem_comp.id
_chem_comp.type
_chem_comp.name
_chem_comp.formula
MG non-polymer 'MAGNESIUM ION' 'Mg 2'
#
# COMPACT_ATOMS: atom_id res chain seq x y z
N THR A 2 3.97 -5.17 -29.77
CA THR A 2 2.77 -4.56 -29.20
C THR A 2 3.15 -3.77 -27.94
N LEU A 3 4.28 -4.14 -27.31
CA LEU A 3 4.70 -3.51 -26.06
C LEU A 3 5.81 -2.50 -26.33
N SER A 4 5.61 -1.28 -25.86
CA SER A 4 6.52 -0.18 -26.13
C SER A 4 7.06 0.37 -24.81
N PHE A 5 8.38 0.49 -24.72
CA PHE A 5 9.06 0.98 -23.54
C PHE A 5 9.86 2.21 -23.88
N ILE A 6 9.94 3.12 -22.92
CA ILE A 6 10.72 4.34 -23.04
C ILE A 6 11.81 4.33 -21.97
N THR A 7 12.79 5.22 -22.14
CA THR A 7 13.91 5.32 -21.21
C THR A 7 13.95 6.71 -20.59
N ARG A 8 12.86 7.07 -19.91
CA ARG A 8 12.68 8.42 -19.39
C ARG A 8 13.54 8.68 -18.15
N TRP A 9 13.49 7.77 -17.18
CA TRP A 9 14.36 7.91 -16.01
C TRP A 9 15.82 7.86 -16.42
N ARG A 10 16.18 6.90 -17.28
CA ARG A 10 17.57 6.71 -17.67
C ARG A 10 18.14 7.98 -18.31
N ASP A 11 17.38 8.60 -19.20
CA ASP A 11 17.90 9.71 -20.00
C ASP A 11 17.66 11.08 -19.36
N GLU A 12 16.66 11.23 -18.47
CA GLU A 12 16.33 12.53 -17.91
C GLU A 12 16.84 12.72 -16.49
N LEU A 13 17.25 11.65 -15.82
CA LEU A 13 17.81 11.74 -14.47
C LEU A 13 19.11 10.94 -14.41
N PRO A 14 20.10 11.30 -15.21
CA PRO A 14 21.39 10.59 -15.14
C PRO A 14 22.07 10.89 -13.81
N ALA A 15 22.94 9.96 -13.42
CA ALA A 15 23.62 9.94 -12.12
C ALA A 15 22.66 9.72 -10.96
N THR A 16 21.50 9.09 -11.22
CA THR A 16 20.60 8.69 -10.15
C THR A 16 20.38 7.18 -10.16
N TYR A 17 21.22 6.44 -10.86
CA TYR A 17 21.02 5.01 -11.04
C TYR A 17 22.33 4.37 -11.49
N THR A 18 22.30 3.05 -11.60
CA THR A 18 23.37 2.27 -12.22
C THR A 18 22.73 1.37 -13.25
N THR A 19 23.29 1.34 -14.46
CA THR A 19 22.84 0.41 -15.47
C THR A 19 23.40 -0.99 -15.16
N LEU A 20 22.52 -1.99 -15.28
CA LEU A 20 22.88 -3.38 -15.04
C LEU A 20 21.72 -4.24 -15.53
N SER A 21 21.94 -5.56 -15.51
CA SER A 21 20.97 -6.52 -15.99
C SER A 21 20.54 -7.44 -14.86
N PRO A 22 19.35 -8.03 -14.96
CA PRO A 22 18.94 -9.01 -13.95
C PRO A 22 19.78 -10.27 -14.04
N THR A 23 19.90 -10.96 -12.92
CA THR A 23 20.58 -12.25 -12.88
C THR A 23 19.55 -13.35 -12.62
N PRO A 24 19.31 -14.24 -13.58
CA PRO A 24 18.24 -15.25 -13.44
C PRO A 24 18.47 -16.17 -12.24
N LEU A 25 17.41 -16.93 -11.92
CA LEU A 25 17.47 -17.99 -10.92
C LEU A 25 17.45 -19.35 -11.62
N ASN A 26 17.64 -20.43 -10.84
CA ASN A 26 17.78 -21.75 -11.44
C ASN A 26 16.40 -22.37 -11.65
N ASN A 27 16.12 -22.72 -12.89
CA ASN A 27 14.82 -23.28 -13.26
C ASN A 27 13.67 -22.41 -12.73
N ALA A 28 13.68 -21.13 -13.12
CA ALA A 28 12.58 -20.27 -12.72
C ALA A 28 11.33 -20.64 -13.49
N ARG A 29 10.18 -20.60 -12.82
CA ARG A 29 8.91 -20.85 -13.47
C ARG A 29 7.84 -19.91 -12.95
N LEU A 30 6.93 -19.48 -13.83
CA LEU A 30 5.77 -18.70 -13.41
C LEU A 30 4.85 -19.54 -12.54
N ILE A 31 4.35 -18.96 -11.46
CA ILE A 31 3.35 -19.63 -10.61
C ILE A 31 2.06 -18.83 -10.49
N TRP A 32 2.00 -17.63 -11.04
CA TRP A 32 0.84 -16.75 -10.92
C TRP A 32 1.12 -15.50 -11.74
N HIS A 33 0.09 -15.00 -12.42
CA HIS A 33 0.17 -13.69 -13.05
C HIS A 33 -1.20 -13.01 -12.94
N ASN A 34 -1.17 -11.68 -13.04
CA ASN A 34 -2.37 -10.86 -12.85
C ASN A 34 -3.01 -10.68 -14.22
N ALA A 35 -3.93 -11.60 -14.55
CA ALA A 35 -4.58 -11.57 -15.86
C ALA A 35 -5.35 -10.27 -16.08
N GLU A 36 -5.98 -9.76 -15.03
CA GLU A 36 -6.72 -8.52 -15.18
C GLU A 36 -5.78 -7.35 -15.45
N LEU A 37 -4.67 -7.28 -14.72
CA LEU A 37 -3.75 -6.16 -14.90
C LEU A 37 -3.07 -6.23 -16.25
N ALA A 38 -2.65 -7.43 -16.68
CA ALA A 38 -2.01 -7.56 -17.98
C ALA A 38 -2.92 -7.07 -19.10
N ASN A 39 -4.22 -7.34 -19.00
CA ASN A 39 -5.16 -6.82 -19.98
C ASN A 39 -5.23 -5.30 -19.91
N THR A 40 -5.14 -4.73 -18.71
CA THR A 40 -5.15 -3.28 -18.59
C THR A 40 -3.94 -2.67 -19.29
N LEU A 41 -2.80 -3.37 -19.24
CA LEU A 41 -1.54 -2.89 -19.79
C LEU A 41 -1.32 -3.31 -21.23
N GLY A 42 -2.13 -4.21 -21.77
CA GLY A 42 -1.95 -4.65 -23.14
C GLY A 42 -0.90 -5.71 -23.34
N ILE A 43 -0.66 -6.55 -22.33
CA ILE A 43 0.37 -7.59 -22.39
C ILE A 43 -0.26 -8.83 -23.03
N PRO A 44 0.28 -9.34 -24.13
CA PRO A 44 -0.27 -10.56 -24.72
C PRO A 44 0.01 -11.76 -23.85
N SER A 45 -0.95 -12.69 -23.79
CA SER A 45 -0.73 -13.91 -23.03
C SER A 45 0.44 -14.71 -23.58
N SER A 46 0.88 -14.41 -24.81
CA SER A 46 2.11 -14.97 -25.34
C SER A 46 3.25 -14.85 -24.33
N LEU A 47 3.38 -13.67 -23.70
CA LEU A 47 4.53 -13.40 -22.84
C LEU A 47 4.53 -14.26 -21.58
N PHE A 48 3.37 -14.72 -21.13
CA PHE A 48 3.31 -15.53 -19.92
C PHE A 48 3.53 -17.00 -20.19
N LYS A 49 3.79 -17.38 -21.44
CA LYS A 49 4.09 -18.76 -21.80
C LYS A 49 5.42 -18.82 -22.53
N ASN A 50 6.07 -19.99 -22.46
CA ASN A 50 7.35 -20.38 -23.05
C ASN A 50 8.49 -20.31 -22.04
N GLY A 51 8.18 -20.36 -20.75
CA GLY A 51 9.17 -20.25 -19.70
C GLY A 51 9.05 -18.94 -18.94
N ALA A 52 9.96 -18.79 -17.97
CA ALA A 52 9.93 -17.63 -17.08
C ALA A 52 9.96 -16.32 -17.86
N GLY A 53 10.80 -16.24 -18.89
CA GLY A 53 10.78 -15.06 -19.75
C GLY A 53 11.18 -13.82 -19.00
N VAL A 54 10.58 -12.69 -19.38
CA VAL A 54 10.88 -11.41 -18.75
C VAL A 54 10.56 -11.44 -17.26
N TRP A 55 9.54 -12.23 -16.86
CA TRP A 55 9.12 -12.31 -15.47
C TRP A 55 10.16 -12.99 -14.60
N GLY A 56 11.10 -13.72 -15.18
CA GLY A 56 12.21 -14.31 -14.46
C GLY A 56 13.52 -13.58 -14.64
N GLY A 57 13.51 -12.42 -15.30
CA GLY A 57 14.76 -11.75 -15.61
C GLY A 57 15.60 -12.47 -16.62
N GLU A 58 14.99 -13.34 -17.44
CA GLU A 58 15.71 -14.15 -18.41
C GLU A 58 15.61 -13.58 -19.82
N THR A 59 14.77 -12.57 -20.04
CA THR A 59 14.66 -11.89 -21.32
C THR A 59 14.36 -10.43 -21.03
N LEU A 60 14.76 -9.55 -21.94
CA LEU A 60 14.38 -8.14 -21.91
C LEU A 60 13.54 -7.85 -23.14
N LEU A 61 12.46 -7.11 -22.95
CA LEU A 61 11.67 -6.74 -24.11
C LEU A 61 12.28 -5.51 -24.78
N PRO A 62 12.11 -5.37 -26.10
CA PRO A 62 12.72 -4.25 -26.82
C PRO A 62 12.26 -2.91 -26.26
N GLY A 63 13.23 -2.03 -25.98
CA GLY A 63 12.98 -0.77 -25.33
C GLY A 63 13.38 -0.73 -23.87
N MET A 64 13.43 -1.88 -23.21
CA MET A 64 13.88 -1.94 -21.83
C MET A 64 15.37 -1.62 -21.74
N SER A 65 15.72 -0.80 -20.74
CA SER A 65 17.12 -0.53 -20.39
C SER A 65 17.23 -0.58 -18.87
N PRO A 66 17.48 -1.77 -18.31
CA PRO A 66 17.34 -1.93 -16.85
C PRO A 66 18.35 -1.11 -16.06
N LEU A 67 17.91 -0.67 -14.88
CA LEU A 67 18.73 0.17 -14.01
C LEU A 67 18.24 0.03 -12.57
N ALA A 68 19.17 0.26 -11.65
CA ALA A 68 18.89 0.28 -10.22
C ALA A 68 19.06 1.70 -9.71
N GLN A 69 17.99 2.28 -9.16
CA GLN A 69 18.02 3.65 -8.70
C GLN A 69 18.70 3.76 -7.34
N VAL A 70 19.37 4.88 -7.12
CA VAL A 70 19.95 5.20 -5.83
C VAL A 70 18.99 6.11 -5.08
N TYR A 71 18.93 5.94 -3.76
CA TYR A 71 18.24 6.88 -2.89
C TYR A 71 18.77 6.67 -1.47
N SER A 72 18.22 7.41 -0.53
CA SER A 72 18.59 7.30 0.88
C SER A 72 17.32 7.40 1.70
N GLY A 73 17.45 7.73 2.98
CA GLY A 73 16.27 7.94 3.80
C GLY A 73 16.56 7.74 5.26
N HIS A 74 15.65 8.28 6.08
CA HIS A 74 15.67 8.02 7.52
C HIS A 74 14.98 6.70 7.80
N GLN A 75 15.68 5.80 8.49
CA GLN A 75 15.11 4.54 8.94
C GLN A 75 14.94 4.60 10.46
N PHE A 76 13.68 4.43 10.91
CA PHE A 76 13.33 4.53 12.32
C PHE A 76 13.85 5.83 12.92
N GLY A 77 13.69 6.93 12.18
CA GLY A 77 14.07 8.24 12.64
C GLY A 77 15.54 8.56 12.57
N VAL A 78 16.36 7.67 12.05
CA VAL A 78 17.81 7.85 12.03
C VAL A 78 18.29 7.82 10.60
N TRP A 79 19.12 8.80 10.23
CA TRP A 79 19.70 8.85 8.89
C TRP A 79 20.47 7.57 8.62
N ALA A 80 19.95 6.76 7.70
CA ALA A 80 20.58 5.49 7.34
C ALA A 80 21.55 5.61 6.17
N GLY A 81 21.76 6.82 5.66
CA GLY A 81 22.65 6.96 4.53
C GLY A 81 22.09 6.37 3.25
N GLN A 82 23.00 6.08 2.33
CA GLN A 82 22.60 5.63 1.01
C GLN A 82 21.94 4.25 1.07
N LEU A 83 20.75 4.14 0.46
CA LEU A 83 20.04 2.87 0.37
C LEU A 83 19.98 2.50 -1.09
N GLY A 84 18.85 2.65 -1.76
CA GLY A 84 18.77 2.38 -3.19
C GLY A 84 18.09 1.06 -3.50
N ASP A 85 17.93 0.82 -4.80
CA ASP A 85 17.35 -0.42 -5.28
C ASP A 85 18.27 -1.60 -4.97
N GLY A 86 18.10 -2.20 -3.80
CA GLY A 86 18.96 -3.30 -3.42
C GLY A 86 18.42 -4.67 -3.74
N ARG A 87 17.10 -4.84 -3.78
CA ARG A 87 16.50 -6.13 -4.08
C ARG A 87 15.58 -6.05 -5.30
N GLY A 88 15.79 -5.06 -6.16
CA GLY A 88 14.94 -4.91 -7.33
C GLY A 88 15.63 -4.09 -8.39
N ILE A 89 15.09 -4.17 -9.62
CA ILE A 89 15.66 -3.48 -10.76
C ILE A 89 14.52 -2.91 -11.58
N LEU A 90 14.62 -1.63 -11.93
CA LEU A 90 13.69 -1.06 -12.90
C LEU A 90 14.07 -1.56 -14.28
N LEU A 91 13.26 -2.46 -14.86
CA LEU A 91 13.53 -2.99 -16.19
C LEU A 91 13.33 -1.92 -17.25
N GLY A 92 12.34 -1.06 -17.07
CA GLY A 92 12.03 -0.03 -18.03
C GLY A 92 10.72 0.61 -17.65
N GLU A 93 10.28 1.53 -18.50
CA GLU A 93 9.02 2.22 -18.28
C GLU A 93 8.13 1.98 -19.48
N GLN A 94 7.01 1.29 -19.28
CA GLN A 94 6.11 0.97 -20.37
C GLN A 94 5.23 2.16 -20.71
N ARG A 95 5.17 2.51 -22.00
CA ARG A 95 4.29 3.55 -22.48
C ARG A 95 2.99 2.91 -22.98
N LEU A 96 1.87 3.34 -22.41
CA LEU A 96 0.57 2.83 -22.81
C LEU A 96 -0.05 3.69 -23.91
N ALA A 97 -1.05 3.13 -24.60
CA ALA A 97 -1.68 3.82 -25.72
C ALA A 97 -2.39 5.10 -25.29
N ASP A 98 -2.86 5.16 -24.04
CA ASP A 98 -3.49 6.39 -23.56
C ASP A 98 -2.49 7.48 -23.21
N GLY A 99 -1.19 7.23 -23.39
CA GLY A 99 -0.17 8.20 -23.10
C GLY A 99 0.51 8.05 -21.75
N THR A 100 -0.07 7.28 -20.82
CA THR A 100 0.52 7.17 -19.49
C THR A 100 1.71 6.22 -19.51
N THR A 101 2.45 6.21 -18.40
CA THR A 101 3.66 5.41 -18.27
C THR A 101 3.61 4.60 -16.98
N MET A 102 4.08 3.36 -17.04
CA MET A 102 4.09 2.43 -15.91
C MET A 102 5.47 1.84 -15.75
N ASP A 103 6.03 1.97 -14.55
CA ASP A 103 7.29 1.31 -14.24
C ASP A 103 7.10 -0.21 -14.21
N TRP A 104 8.11 -0.93 -14.66
CA TRP A 104 8.20 -2.38 -14.48
C TRP A 104 9.39 -2.63 -13.56
N HIS A 105 9.13 -2.87 -12.29
CA HIS A 105 10.17 -3.05 -11.30
C HIS A 105 10.17 -4.51 -10.86
N LEU A 106 11.30 -5.18 -11.03
CA LEU A 106 11.41 -6.62 -10.85
C LEU A 106 12.10 -6.89 -9.52
N LYS A 107 11.31 -7.28 -8.51
CA LYS A 107 11.85 -7.56 -7.19
C LYS A 107 12.62 -8.88 -7.21
N GLY A 108 13.82 -8.87 -6.64
CA GLY A 108 14.66 -10.04 -6.59
C GLY A 108 15.39 -10.37 -7.86
N ALA A 109 15.61 -9.38 -8.73
CA ALA A 109 16.24 -9.63 -10.02
C ALA A 109 17.75 -9.81 -9.93
N GLY A 110 18.31 -9.82 -8.74
CA GLY A 110 19.73 -10.11 -8.57
C GLY A 110 20.48 -8.95 -7.92
N LEU A 111 21.79 -9.13 -7.84
CA LEU A 111 22.64 -8.18 -7.12
C LEU A 111 22.70 -6.83 -7.83
N THR A 112 22.74 -5.77 -7.04
CA THR A 112 22.97 -4.42 -7.53
C THR A 112 24.07 -3.78 -6.72
N PRO A 113 24.69 -2.70 -7.22
CA PRO A 113 25.63 -1.92 -6.39
C PRO A 113 25.05 -1.50 -5.06
N TYR A 114 23.73 -1.47 -4.93
CA TYR A 114 23.07 -1.00 -3.72
C TYR A 114 22.55 -2.13 -2.84
N SER A 115 22.89 -3.39 -3.17
CA SER A 115 22.37 -4.55 -2.44
C SER A 115 22.80 -4.60 -0.98
N ARG A 116 23.79 -3.78 -0.57
CA ARG A 116 24.16 -3.58 0.83
C ARG A 116 24.66 -4.91 1.39
N MET A 117 24.17 -5.36 2.56
CA MET A 117 24.58 -6.65 3.11
C MET A 117 23.81 -7.83 2.52
N GLY A 118 22.67 -7.61 1.86
CA GLY A 118 21.89 -8.70 1.31
C GLY A 118 22.54 -9.33 0.10
N ASP A 119 21.73 -10.13 -0.60
CA ASP A 119 22.17 -10.84 -1.79
C ASP A 119 21.51 -10.34 -3.06
N GLY A 120 20.55 -9.41 -2.95
CA GLY A 120 19.78 -8.96 -4.09
C GLY A 120 18.60 -9.85 -4.44
N ARG A 121 18.28 -10.82 -3.60
CA ARG A 121 17.28 -11.82 -3.92
C ARG A 121 16.06 -11.67 -3.04
N ALA A 122 14.92 -12.08 -3.58
CA ALA A 122 13.65 -12.17 -2.85
C ALA A 122 13.27 -13.63 -2.68
N VAL A 123 12.44 -13.90 -1.69
CA VAL A 123 12.00 -15.26 -1.40
C VAL A 123 10.51 -15.37 -1.70
N LEU A 124 10.02 -16.61 -1.71
CA LEU A 124 8.66 -16.86 -2.19
C LEU A 124 7.62 -16.26 -1.26
N ARG A 125 7.83 -16.35 0.06
CA ARG A 125 6.84 -15.83 0.99
C ARG A 125 6.71 -14.31 0.88
N SER A 126 7.82 -13.62 0.69
CA SER A 126 7.78 -12.16 0.50
C SER A 126 6.97 -11.81 -0.75
N THR A 127 7.22 -12.51 -1.86
CA THR A 127 6.56 -12.14 -3.12
C THR A 127 5.06 -12.39 -3.06
N ILE A 128 4.65 -13.48 -2.39
CA ILE A 128 3.22 -13.82 -2.34
C ILE A 128 2.48 -12.85 -1.43
N ARG A 129 3.06 -12.54 -0.27
CA ARG A 129 2.44 -11.57 0.63
C ARG A 129 2.32 -10.20 -0.03
N GLU A 130 3.34 -9.78 -0.79
CA GLU A 130 3.25 -8.50 -1.48
C GLU A 130 2.17 -8.54 -2.56
N SER A 131 2.12 -9.61 -3.35
CA SER A 131 1.11 -9.71 -4.40
C SER A 131 -0.29 -9.75 -3.82
N LEU A 132 -0.47 -10.45 -2.70
CA LEU A 132 -1.80 -10.52 -2.09
C LEU A 132 -2.20 -9.17 -1.50
N ALA A 133 -1.27 -8.48 -0.84
CA ALA A 133 -1.64 -7.24 -0.15
C ALA A 133 -1.83 -6.09 -1.13
N SER A 134 -0.93 -5.94 -2.10
CA SER A 134 -1.09 -4.88 -3.07
C SER A 134 -2.40 -5.02 -3.83
N GLU A 135 -2.77 -6.25 -4.20
CA GLU A 135 -4.02 -6.44 -4.91
C GLU A 135 -5.22 -6.18 -4.00
N ALA A 136 -5.19 -6.73 -2.78
CA ALA A 136 -6.25 -6.44 -1.82
C ALA A 136 -6.45 -4.94 -1.66
N MET A 137 -5.35 -4.19 -1.51
CA MET A 137 -5.46 -2.73 -1.38
C MET A 137 -6.13 -2.12 -2.59
N HIS A 138 -5.76 -2.59 -3.79
CA HIS A 138 -6.32 -2.01 -5.00
C HIS A 138 -7.82 -2.21 -5.07
N TYR A 139 -8.31 -3.41 -4.74
CA TYR A 139 -9.74 -3.64 -4.80
C TYR A 139 -10.50 -3.05 -3.63
N LEU A 140 -9.80 -2.58 -2.60
CA LEU A 140 -10.41 -1.74 -1.58
C LEU A 140 -10.45 -0.27 -2.00
N GLY A 141 -9.84 0.08 -3.14
CA GLY A 141 -9.84 1.44 -3.64
C GLY A 141 -8.68 2.31 -3.19
N ILE A 142 -7.66 1.74 -2.56
CA ILE A 142 -6.56 2.52 -1.98
C ILE A 142 -5.39 2.52 -2.97
N PRO A 143 -4.79 3.68 -3.26
CA PRO A 143 -3.68 3.71 -4.23
C PRO A 143 -2.55 2.80 -3.80
N THR A 144 -1.97 2.08 -4.77
CA THR A 144 -0.95 1.10 -4.43
C THR A 144 -0.20 0.68 -5.68
N THR A 145 1.04 0.24 -5.48
CA THR A 145 1.71 -0.51 -6.53
C THR A 145 0.93 -1.80 -6.79
N ARG A 146 1.07 -2.33 -8.00
CA ARG A 146 0.37 -3.55 -8.38
C ARG A 146 1.37 -4.66 -8.67
N ALA A 147 0.95 -5.89 -8.40
CA ALA A 147 1.73 -7.07 -8.70
C ALA A 147 1.27 -7.65 -10.03
N LEU A 148 2.22 -7.93 -10.91
CA LEU A 148 1.93 -8.47 -12.23
C LEU A 148 2.25 -9.95 -12.38
N SER A 149 3.27 -10.46 -11.70
CA SER A 149 3.67 -11.85 -11.87
C SER A 149 4.48 -12.30 -10.66
N ILE A 150 4.48 -13.61 -10.42
CA ILE A 150 5.33 -14.23 -9.42
C ILE A 150 6.02 -15.42 -10.05
N VAL A 151 7.35 -15.48 -9.90
CA VAL A 151 8.15 -16.58 -10.40
C VAL A 151 8.86 -17.20 -9.21
N THR A 152 8.85 -18.53 -9.14
CA THR A 152 9.65 -19.25 -8.14
C THR A 152 10.74 -20.06 -8.86
N SER A 153 11.65 -20.63 -8.06
CA SER A 153 12.83 -21.25 -8.60
C SER A 153 13.33 -22.32 -7.64
N ASP A 154 14.44 -22.96 -8.04
CA ASP A 154 15.15 -23.92 -7.20
C ASP A 154 16.41 -23.31 -6.59
N SER A 155 16.62 -22.02 -6.79
CA SER A 155 17.75 -21.33 -6.17
C SER A 155 17.46 -21.10 -4.70
N PRO A 156 18.23 -21.66 -3.78
CA PRO A 156 17.97 -21.44 -2.36
C PRO A 156 18.55 -20.13 -1.86
N VAL A 157 17.79 -19.45 -1.01
CA VAL A 157 18.18 -18.19 -0.38
C VAL A 157 18.16 -18.39 1.13
N TYR A 158 19.16 -17.82 1.81
CA TYR A 158 19.35 -18.07 3.24
C TYR A 158 18.84 -16.87 4.02
N ARG A 159 17.77 -17.07 4.75
CA ARG A 159 17.30 -16.07 5.69
C ARG A 159 17.25 -16.72 7.06
N GLU A 160 16.14 -16.57 7.77
CA GLU A 160 15.97 -17.31 9.01
C GLU A 160 16.00 -18.81 8.74
N THR A 161 15.38 -19.24 7.64
CA THR A 161 15.34 -20.60 7.15
C THR A 161 16.21 -20.68 5.89
N VAL A 162 15.93 -21.67 5.04
CA VAL A 162 16.27 -21.65 3.64
C VAL A 162 14.97 -21.57 2.87
N GLU A 163 14.89 -20.64 1.94
CA GLU A 163 13.68 -20.35 1.20
C GLU A 163 13.96 -20.44 -0.29
N PRO A 164 12.94 -20.67 -1.12
CA PRO A 164 13.13 -20.63 -2.57
C PRO A 164 13.22 -19.19 -3.06
N GLY A 165 14.25 -18.91 -3.86
CA GLY A 165 14.33 -17.60 -4.49
C GLY A 165 13.13 -17.35 -5.36
N ALA A 166 12.65 -16.11 -5.36
CA ALA A 166 11.48 -15.73 -6.13
C ALA A 166 11.71 -14.36 -6.74
N MET A 167 10.81 -14.00 -7.66
CA MET A 167 10.84 -12.69 -8.29
C MET A 167 9.40 -12.23 -8.55
N LEU A 168 9.14 -10.95 -8.28
CA LEU A 168 7.84 -10.34 -8.47
C LEU A 168 7.98 -9.13 -9.38
N MET A 169 7.16 -9.06 -10.42
CA MET A 169 7.13 -7.89 -11.30
C MET A 169 6.14 -6.89 -10.73
N ARG A 170 6.64 -5.74 -10.33
CA ARG A 170 5.82 -4.70 -9.73
C ARG A 170 5.56 -3.59 -10.74
N VAL A 171 4.32 -3.12 -10.76
CA VAL A 171 3.89 -2.08 -11.69
C VAL A 171 3.41 -0.89 -10.87
N ALA A 172 3.86 0.31 -11.26
CA ALA A 172 3.47 1.55 -10.59
C ALA A 172 3.75 2.69 -11.55
N PRO A 173 2.96 3.77 -11.49
CA PRO A 173 3.26 4.93 -12.34
C PRO A 173 4.62 5.55 -12.05
N SER A 174 5.13 5.40 -10.84
CA SER A 174 6.45 5.92 -10.51
C SER A 174 6.91 5.22 -9.25
N HIS A 175 8.23 5.09 -9.10
CA HIS A 175 8.83 4.62 -7.87
C HIS A 175 9.54 5.73 -7.12
N LEU A 176 9.17 6.98 -7.41
CA LEU A 176 9.71 8.13 -6.70
C LEU A 176 9.35 8.04 -5.22
N ARG A 177 10.37 8.12 -4.37
CA ARG A 177 10.22 8.08 -2.92
C ARG A 177 10.73 9.39 -2.33
N PHE A 178 10.28 9.69 -1.12
CA PHE A 178 10.78 10.87 -0.42
C PHE A 178 12.30 10.81 -0.31
N GLY A 179 12.85 9.60 -0.14
CA GLY A 179 14.28 9.42 0.01
C GLY A 179 15.08 9.72 -1.23
N HIS A 180 14.45 9.74 -2.41
CA HIS A 180 15.15 10.21 -3.60
C HIS A 180 15.60 11.64 -3.39
N PHE A 181 14.71 12.49 -2.86
CA PHE A 181 15.03 13.88 -2.62
C PHE A 181 16.03 14.03 -1.47
N GLU A 182 15.82 13.28 -0.37
CA GLU A 182 16.75 13.33 0.75
C GLU A 182 18.16 12.95 0.34
N HIS A 183 18.30 12.02 -0.61
CA HIS A 183 19.62 11.53 -0.99
C HIS A 183 20.50 12.66 -1.50
N PHE A 184 19.96 13.48 -2.39
CA PHE A 184 20.73 14.55 -2.99
C PHE A 184 20.77 15.80 -2.14
N TYR A 185 19.79 16.00 -1.25
CA TYR A 185 19.86 17.13 -0.34
C TYR A 185 21.07 17.00 0.57
N TYR A 186 21.18 15.88 1.29
CA TYR A 186 22.25 15.74 2.27
C TYR A 186 23.62 15.57 1.63
N ARG A 187 23.69 15.35 0.32
CA ARG A 187 24.94 15.42 -0.41
C ARG A 187 25.24 16.83 -0.92
N ARG A 188 24.44 17.81 -0.50
CA ARG A 188 24.64 19.21 -0.87
C ARG A 188 24.61 19.42 -2.38
N GLU A 189 23.73 18.68 -3.05
CA GLU A 189 23.50 18.81 -4.49
C GLU A 189 22.07 19.29 -4.72
N PRO A 190 21.75 20.53 -4.32
CA PRO A 190 20.35 20.97 -4.39
C PRO A 190 19.84 21.09 -5.81
N GLU A 191 20.73 21.18 -6.80
CA GLU A 191 20.27 21.25 -8.18
C GLU A 191 19.72 19.91 -8.63
N LYS A 192 20.24 18.81 -8.09
CA LYS A 192 19.67 17.49 -8.38
C LYS A 192 18.37 17.25 -7.61
N VAL A 193 18.20 17.90 -6.46
CA VAL A 193 16.89 17.89 -5.81
C VAL A 193 15.86 18.59 -6.70
N ARG A 194 16.23 19.76 -7.24
CA ARG A 194 15.32 20.50 -8.10
C ARG A 194 15.02 19.76 -9.39
N GLN A 195 15.99 19.00 -9.93
CA GLN A 195 15.74 18.22 -11.13
C GLN A 195 14.71 17.12 -10.86
N LEU A 196 14.78 16.49 -9.68
CA LEU A 196 13.78 15.48 -9.33
C LEU A 196 12.39 16.10 -9.27
N ALA A 197 12.26 17.29 -8.65
CA ALA A 197 10.96 17.93 -8.57
C ALA A 197 10.45 18.29 -9.96
N ASP A 198 11.30 18.90 -10.79
CA ASP A 198 10.91 19.22 -12.16
C ASP A 198 10.49 17.97 -12.92
N PHE A 199 11.25 16.88 -12.78
CA PHE A 199 10.91 15.62 -13.42
C PHE A 199 9.54 15.13 -12.95
N ALA A 200 9.31 15.15 -11.63
CA ALA A 200 8.08 14.61 -11.08
C ALA A 200 6.88 15.46 -11.48
N ILE A 201 7.03 16.78 -11.52
CA ILE A 201 5.91 17.61 -11.94
C ILE A 201 5.68 17.46 -13.43
N ARG A 202 6.75 17.40 -14.21
CA ARG A 202 6.62 17.28 -15.66
C ARG A 202 5.81 16.05 -16.05
N HIS A 203 6.06 14.92 -15.40
CA HIS A 203 5.50 13.66 -15.84
C HIS A 203 4.29 13.18 -15.02
N TYR A 204 4.12 13.67 -13.80
CA TYR A 204 3.02 13.20 -12.96
C TYR A 204 2.11 14.30 -12.43
N TRP A 205 2.51 15.57 -12.52
CA TRP A 205 1.69 16.74 -12.22
C TRP A 205 1.69 17.68 -13.42
N SER A 206 1.46 17.12 -14.61
CA SER A 206 1.69 17.85 -15.86
C SER A 206 0.86 19.11 -15.97
N HIS A 207 -0.29 19.16 -15.28
CA HIS A 207 -1.16 20.33 -15.37
C HIS A 207 -0.56 21.56 -14.72
N LEU A 208 0.35 21.40 -13.77
CA LEU A 208 1.06 22.53 -13.18
C LEU A 208 2.36 22.77 -13.97
N ALA A 209 3.20 23.69 -13.47
CA ALA A 209 4.59 23.83 -13.91
C ALA A 209 4.72 24.24 -15.37
N ASP A 210 4.16 25.42 -15.68
CA ASP A 210 4.28 25.95 -17.03
C ASP A 210 3.96 27.44 -17.02
N GLU A 212 5.57 29.49 -11.79
CA GLU A 212 4.59 30.45 -11.29
C GLU A 212 3.86 29.77 -10.12
N ASP A 213 4.60 29.59 -9.02
CA ASP A 213 4.11 28.91 -7.83
C ASP A 213 3.86 27.42 -8.07
N LYS A 214 4.52 26.86 -9.08
CA LYS A 214 4.34 25.44 -9.41
C LYS A 214 4.77 24.54 -8.27
N TYR A 215 5.81 24.92 -7.52
CA TYR A 215 6.33 24.06 -6.48
C TYR A 215 5.41 24.04 -5.25
N ARG A 216 4.90 25.20 -4.83
CA ARG A 216 3.97 25.24 -3.72
C ARG A 216 2.73 24.41 -4.02
N LEU A 217 2.15 24.58 -5.21
CA LEU A 217 0.98 23.79 -5.57
C LEU A 217 1.31 22.31 -5.58
N TRP A 218 2.49 21.94 -6.08
CA TRP A 218 2.89 20.54 -6.18
C TRP A 218 3.07 19.93 -4.79
N PHE A 219 3.87 20.57 -3.94
CA PHE A 219 4.11 20.02 -2.61
C PHE A 219 2.82 19.96 -1.81
N THR A 220 1.93 20.94 -1.99
CA THR A 220 0.64 20.90 -1.32
C THR A 220 -0.14 19.66 -1.71
N ASP A 221 -0.06 19.25 -2.98
CA ASP A 221 -0.75 18.05 -3.40
C ASP A 221 -0.07 16.79 -2.89
N VAL A 222 1.26 16.81 -2.78
CA VAL A 222 1.98 15.67 -2.20
C VAL A 222 1.54 15.46 -0.76
N VAL A 223 1.43 16.55 0.00
CA VAL A 223 0.90 16.46 1.37
C VAL A 223 -0.50 15.87 1.35
N ALA A 224 -1.37 16.41 0.48
CA ALA A 224 -2.76 15.94 0.47
C ALA A 224 -2.83 14.46 0.11
N ARG A 225 -2.00 14.02 -0.85
CA ARG A 225 -2.07 12.64 -1.30
C ARG A 225 -1.52 11.68 -0.25
N THR A 226 -0.51 12.11 0.52
CA THR A 226 -0.05 11.29 1.64
C THR A 226 -1.08 11.30 2.77
N ALA A 227 -1.61 12.46 3.13
CA ALA A 227 -2.66 12.51 4.14
C ALA A 227 -3.87 11.67 3.75
N SER A 228 -4.29 11.78 2.49
CA SER A 228 -5.41 10.96 2.02
C SER A 228 -5.06 9.48 2.07
N LEU A 229 -3.79 9.12 1.85
CA LEU A 229 -3.40 7.72 1.89
C LEU A 229 -3.48 7.17 3.30
N ILE A 230 -2.90 7.89 4.26
CA ILE A 230 -2.93 7.43 5.65
C ILE A 230 -4.37 7.31 6.14
N ALA A 231 -5.22 8.27 5.77
CA ALA A 231 -6.63 8.20 6.15
C ALA A 231 -7.24 6.88 5.69
N GLN A 232 -6.93 6.45 4.47
CA GLN A 232 -7.54 5.22 3.97
C GLN A 232 -6.97 4.00 4.69
N TRP A 233 -5.68 4.01 5.02
CA TRP A 233 -5.10 2.94 5.83
C TRP A 233 -5.83 2.78 7.15
N GLN A 234 -6.09 3.90 7.84
CA GLN A 234 -6.71 3.82 9.16
C GLN A 234 -8.12 3.25 9.08
N THR A 235 -8.90 3.68 8.08
CA THR A 235 -10.29 3.23 8.02
C THR A 235 -10.40 1.73 7.77
N VAL A 236 -9.46 1.13 7.05
CA VAL A 236 -9.53 -0.32 6.80
C VAL A 236 -8.74 -1.14 7.80
N GLY A 237 -7.87 -0.52 8.59
CA GLY A 237 -7.08 -1.24 9.56
C GLY A 237 -5.80 -1.84 9.01
N PHE A 238 -5.13 -1.11 8.12
CA PHE A 238 -3.87 -1.56 7.53
C PHE A 238 -2.70 -0.96 8.29
N ALA A 239 -1.79 -1.80 8.76
CA ALA A 239 -0.54 -1.36 9.39
C ALA A 239 0.60 -1.65 8.43
N HIS A 240 1.29 -0.59 7.99
CA HIS A 240 2.37 -0.76 7.03
C HIS A 240 3.56 -1.48 7.63
N GLY A 241 4.04 -1.01 8.79
CA GLY A 241 5.13 -1.63 9.50
C GLY A 241 6.49 -0.97 9.30
N VAL A 242 6.75 -0.37 8.14
CA VAL A 242 8.06 0.23 7.84
C VAL A 242 7.86 1.58 7.17
N MET A 243 7.33 2.55 7.91
CA MET A 243 7.07 3.85 7.33
C MET A 243 8.33 4.71 7.31
N ASN A 244 9.46 4.14 6.87
CA ASN A 244 10.67 4.92 6.65
C ASN A 244 10.44 5.92 5.51
N THR A 245 11.33 6.92 5.43
CA THR A 245 11.18 7.93 4.38
C THR A 245 11.49 7.37 3.00
N ASP A 246 12.24 6.28 2.91
CA ASP A 246 12.47 5.65 1.62
C ASP A 246 11.32 4.74 1.19
N ASN A 247 10.33 4.50 2.06
CA ASN A 247 9.15 3.73 1.70
C ASN A 247 7.94 4.60 1.43
N MET A 248 8.10 5.92 1.48
CA MET A 248 6.99 6.84 1.23
C MET A 248 6.96 7.20 -0.25
N SER A 249 5.89 6.81 -0.93
CA SER A 249 5.74 7.14 -2.34
C SER A 249 5.45 8.62 -2.51
N LEU A 250 6.19 9.27 -3.42
CA LEU A 250 5.90 10.66 -3.72
C LEU A 250 4.51 10.83 -4.33
N LEU A 251 4.07 9.85 -5.11
CA LEU A 251 2.76 9.92 -5.74
C LEU A 251 1.63 9.58 -4.77
N GLY A 252 1.94 9.10 -3.57
CA GLY A 252 0.90 8.74 -2.62
C GLY A 252 0.40 7.32 -2.75
N LEU A 253 1.23 6.41 -3.22
CA LEU A 253 0.87 5.00 -3.34
C LEU A 253 1.35 4.24 -2.11
N THR A 254 0.60 3.21 -1.73
CA THR A 254 1.11 2.24 -0.78
C THR A 254 2.31 1.55 -1.42
N LEU A 255 3.48 1.74 -0.83
CA LEU A 255 4.73 1.31 -1.43
C LEU A 255 5.49 0.43 -0.46
N ASP A 256 6.04 -0.68 -0.99
CA ASP A 256 6.82 -1.67 -0.27
C ASP A 256 6.02 -2.40 0.81
N TYR A 257 5.73 -3.67 0.56
CA TYR A 257 4.91 -4.49 1.45
C TYR A 257 5.80 -5.54 2.11
N GLY A 258 6.15 -5.32 3.38
CA GLY A 258 6.96 -6.25 4.11
C GLY A 258 6.25 -6.77 5.34
N PRO A 259 6.57 -6.21 6.50
CA PRO A 259 5.92 -6.59 7.75
C PRO A 259 4.61 -5.82 7.97
N PHE A 260 3.77 -5.79 6.96
CA PHE A 260 2.46 -5.21 7.06
C PHE A 260 1.51 -6.15 7.81
N GLY A 261 0.32 -5.65 8.08
CA GLY A 261 -0.72 -6.47 8.64
C GLY A 261 -2.04 -5.73 8.63
N PHE A 262 -3.08 -6.37 8.11
CA PHE A 262 -4.44 -5.91 8.31
C PHE A 262 -4.92 -6.35 9.69
N LEU A 263 -5.57 -5.44 10.41
CA LEU A 263 -6.00 -5.74 11.77
C LEU A 263 -6.95 -6.93 11.79
N ASP A 264 -6.64 -7.90 12.65
CA ASP A 264 -7.61 -8.94 12.96
C ASP A 264 -8.42 -8.49 14.17
N ASP A 265 -7.83 -8.61 15.36
CA ASP A 265 -8.41 -8.01 16.57
C ASP A 265 -8.18 -6.50 16.53
N TYR A 266 -9.21 -5.74 16.92
CA TYR A 266 -9.03 -4.29 17.00
C TYR A 266 -8.07 -3.96 18.13
N GLU A 267 -6.91 -3.42 17.77
CA GLU A 267 -5.86 -3.09 18.73
C GLU A 267 -5.17 -1.82 18.25
N PRO A 268 -5.57 -0.65 18.78
CA PRO A 268 -5.05 0.62 18.24
C PRO A 268 -3.53 0.70 18.17
N GLY A 269 -2.83 0.13 19.13
CA GLY A 269 -1.37 0.24 19.15
C GLY A 269 -0.70 -0.95 18.52
N PHE A 270 -1.41 -1.65 17.64
CA PHE A 270 -0.90 -2.86 17.01
C PHE A 270 0.44 -2.61 16.33
N ILE A 271 1.41 -3.46 16.61
CA ILE A 271 2.74 -3.39 16.03
C ILE A 271 2.90 -4.61 15.12
N SER A 272 2.99 -4.39 13.82
CA SER A 272 3.09 -5.51 12.88
C SER A 272 4.53 -5.90 12.58
N ASN A 273 5.47 -4.98 12.75
CA ASN A 273 6.88 -5.24 12.47
C ASN A 273 7.55 -5.80 13.72
N HIS A 274 8.04 -7.03 13.65
CA HIS A 274 8.67 -7.67 14.81
C HIS A 274 9.91 -6.90 15.26
N SER A 275 10.59 -6.22 14.33
CA SER A 275 11.79 -5.44 14.62
C SER A 275 11.49 -4.04 15.12
N ASP A 276 10.24 -3.58 15.04
CA ASP A 276 9.86 -2.25 15.49
C ASP A 276 9.68 -2.30 17.01
N HIS A 277 10.83 -2.25 17.71
CA HIS A 277 10.83 -2.44 19.16
C HIS A 277 10.13 -1.30 19.89
N GLN A 278 10.37 -0.06 19.49
CA GLN A 278 9.75 1.07 20.17
C GLN A 278 8.30 1.31 19.75
N GLY A 279 7.75 0.47 18.88
CA GLY A 279 6.43 0.74 18.35
C GLY A 279 6.33 2.03 17.56
N ARG A 280 7.40 2.42 16.87
CA ARG A 280 7.41 3.66 16.10
C ARG A 280 6.34 3.64 15.01
N TYR A 281 6.18 2.50 14.32
CA TYR A 281 5.24 2.39 13.22
C TYR A 281 3.94 1.67 13.62
N SER A 282 3.56 1.78 14.90
CA SER A 282 2.31 1.23 15.41
C SER A 282 1.13 1.79 14.62
N PHE A 283 0.01 1.06 14.59
CA PHE A 283 -1.11 1.46 13.75
C PHE A 283 -1.57 2.88 14.07
N ASP A 284 -1.69 3.21 15.36
CA ASP A 284 -2.16 4.55 15.74
C ASP A 284 -1.12 5.63 15.53
N ASN A 285 0.15 5.27 15.37
CA ASN A 285 1.19 6.24 15.11
C ASN A 285 1.31 6.63 13.64
N GLN A 286 0.61 5.94 12.73
CA GLN A 286 0.81 6.21 11.31
C GLN A 286 0.42 7.63 10.90
N PRO A 287 -0.67 8.23 11.39
CA PRO A 287 -0.91 9.65 11.02
C PRO A 287 0.24 10.57 11.40
N ALA A 288 0.83 10.39 12.58
CA ALA A 288 1.89 11.29 13.02
C ALA A 288 3.20 11.03 12.28
N VAL A 289 3.52 9.75 12.03
CA VAL A 289 4.77 9.41 11.37
C VAL A 289 4.80 9.96 9.94
N ALA A 290 3.67 9.90 9.25
CA ALA A 290 3.62 10.41 7.89
C ALA A 290 3.91 11.91 7.84
N LEU A 291 3.34 12.69 8.77
CA LEU A 291 3.66 14.11 8.85
C LEU A 291 5.15 14.33 9.06
N TRP A 292 5.76 13.58 9.99
CA TRP A 292 7.20 13.69 10.19
C TRP A 292 7.97 13.39 8.91
N ASN A 293 7.51 12.39 8.15
CA ASN A 293 8.15 12.08 6.87
C ASN A 293 7.97 13.21 5.87
N LEU A 294 6.77 13.80 5.80
CA LEU A 294 6.56 14.97 4.97
C LEU A 294 7.44 16.14 5.42
N GLN A 295 7.76 16.21 6.72
CA GLN A 295 8.62 17.29 7.18
C GLN A 295 10.06 17.07 6.74
N ARG A 296 10.53 15.82 6.73
CA ARG A 296 11.85 15.55 6.14
C ARG A 296 11.89 15.98 4.67
N LEU A 297 10.82 15.69 3.93
CA LEU A 297 10.82 15.99 2.50
C LEU A 297 10.82 17.50 2.26
N ALA A 298 10.02 18.24 3.03
CA ALA A 298 9.99 19.69 2.88
C ALA A 298 11.37 20.30 3.11
N GLN A 299 12.15 19.72 4.03
CA GLN A 299 13.48 20.23 4.31
C GLN A 299 14.35 20.21 3.05
N THR A 300 14.23 19.15 2.24
CA THR A 300 15.00 19.04 1.01
C THR A 300 14.56 20.03 -0.06
N LEU A 301 13.31 20.52 0.00
CA LEU A 301 12.79 21.46 -0.96
C LEU A 301 13.04 22.91 -0.57
N SER A 302 13.61 23.16 0.60
CA SER A 302 13.84 24.53 1.04
C SER A 302 14.77 25.35 0.14
N PRO A 303 15.77 24.78 -0.56
CA PRO A 303 16.61 25.64 -1.42
C PRO A 303 15.84 26.37 -2.51
N PHE A 304 14.64 25.93 -2.88
CA PHE A 304 13.94 26.56 -3.99
C PHE A 304 12.43 26.71 -3.77
N VAL A 305 11.91 26.47 -2.57
CA VAL A 305 10.53 26.79 -2.24
C VAL A 305 10.54 27.51 -0.89
N ALA A 306 9.82 28.63 -0.83
CA ALA A 306 9.88 29.51 0.33
C ALA A 306 9.51 28.76 1.60
N VAL A 307 10.24 29.05 2.68
CA VAL A 307 9.93 28.50 4.00
C VAL A 307 8.48 28.80 4.36
N ASP A 308 7.95 29.91 3.86
CA ASP A 308 6.55 30.25 4.13
C ASP A 308 5.61 29.25 3.50
N ALA A 309 5.81 28.93 2.23
CA ALA A 309 4.88 28.03 1.54
C ALA A 309 4.99 26.60 2.05
N LEU A 310 6.21 26.18 2.39
CA LEU A 310 6.41 24.82 2.91
C LEU A 310 5.63 24.60 4.20
N ASN A 311 5.77 25.51 5.16
CA ASN A 311 5.05 25.37 6.43
C ASN A 311 3.55 25.47 6.25
N GLU A 312 3.09 26.22 5.24
CA GLU A 312 1.65 26.30 4.98
C GLU A 312 1.12 24.97 4.44
N ALA A 313 1.84 24.38 3.48
CA ALA A 313 1.42 23.08 2.96
C ALA A 313 1.52 22.00 4.03
N LEU A 314 2.55 22.07 4.88
CA LEU A 314 2.66 21.11 5.98
C LEU A 314 1.48 21.25 6.95
N ASP A 315 1.01 22.47 7.19
CA ASP A 315 -0.05 22.67 8.15
C ASP A 315 -1.41 22.21 7.63
N SER A 316 -1.54 22.00 6.31
CA SER A 316 -2.78 21.47 5.78
C SER A 316 -2.92 19.96 6.00
N TYR A 317 -1.88 19.29 6.47
CA TYR A 317 -1.90 17.84 6.60
C TYR A 317 -2.99 17.39 7.56
N GLN A 318 -3.06 18.01 8.75
CA GLN A 318 -4.07 17.64 9.73
C GLN A 318 -5.48 17.81 9.19
N GLN A 319 -5.71 18.90 8.46
CA GLN A 319 -7.04 19.14 7.93
C GLN A 319 -7.40 18.12 6.85
N VAL A 320 -6.47 17.83 5.94
CA VAL A 320 -6.79 16.90 4.86
C VAL A 320 -7.00 15.50 5.41
N LEU A 321 -6.18 15.09 6.40
CA LEU A 321 -6.33 13.77 6.99
C LEU A 321 -7.68 13.63 7.67
N LEU A 322 -8.04 14.58 8.53
CA LEU A 322 -9.28 14.42 9.28
C LEU A 322 -10.51 14.51 8.37
N THR A 323 -10.45 15.35 7.34
CA THR A 323 -11.55 15.42 6.40
C THR A 323 -11.77 14.08 5.72
N HIS A 324 -10.71 13.50 5.14
CA HIS A 324 -10.83 12.20 4.49
C HIS A 324 -11.23 11.12 5.49
N TYR A 325 -10.62 11.11 6.67
CA TYR A 325 -10.92 10.09 7.67
C TYR A 325 -12.36 10.20 8.14
N GLY A 326 -12.79 11.42 8.50
CA GLY A 326 -14.15 11.60 8.98
C GLY A 326 -15.18 11.22 7.94
N GLN A 327 -14.94 11.57 6.69
CA GLN A 327 -15.94 11.32 5.66
C GLN A 327 -16.05 9.85 5.34
N ARG A 328 -14.93 9.13 5.34
CA ARG A 328 -15.02 7.69 5.09
C ARG A 328 -15.55 6.95 6.31
N MET A 329 -15.13 7.34 7.52
CA MET A 329 -15.68 6.70 8.72
C MET A 329 -17.18 6.94 8.83
N ARG A 330 -17.67 8.08 8.35
CA ARG A 330 -19.11 8.31 8.34
C ARG A 330 -19.83 7.31 7.44
N GLN A 331 -19.25 6.99 6.28
CA GLN A 331 -19.84 5.96 5.42
C GLN A 331 -19.80 4.59 6.08
N LYS A 332 -18.67 4.25 6.70
CA LYS A 332 -18.58 2.97 7.41
C LYS A 332 -19.60 2.87 8.52
N LEU A 333 -19.96 4.01 9.12
CA LEU A 333 -20.97 4.06 10.17
C LEU A 333 -22.38 4.32 9.64
N GLY A 334 -22.53 4.60 8.36
CA GLY A 334 -23.84 4.87 7.81
C GLY A 334 -24.42 6.22 8.14
N PHE A 335 -23.60 7.15 8.64
CA PHE A 335 -24.09 8.50 8.91
C PHE A 335 -24.26 9.25 7.60
N MET A 336 -25.45 9.19 7.02
CA MET A 336 -25.68 9.84 5.73
C MET A 336 -25.60 11.36 5.82
N THR A 337 -25.73 11.93 7.02
CA THR A 337 -25.55 13.35 7.25
C THR A 337 -24.40 13.54 8.24
N GLU A 338 -24.03 14.81 8.46
CA GLU A 338 -22.89 15.14 9.30
C GLU A 338 -23.36 15.91 10.52
N GLN A 339 -22.93 15.45 11.69
CA GLN A 339 -23.12 16.14 12.96
C GLN A 339 -21.75 16.25 13.64
N LYS A 340 -21.54 17.35 14.38
CA LYS A 340 -20.36 17.54 15.22
C LYS A 340 -20.19 16.38 16.16
N GLU A 341 -21.24 15.62 16.34
CA GLU A 341 -21.36 14.53 17.26
C GLU A 341 -20.62 13.24 16.85
N ASP A 342 -20.56 12.95 15.56
CA ASP A 342 -20.34 11.60 15.05
C ASP A 342 -19.06 10.94 15.56
N ASN A 343 -18.04 11.73 15.94
CA ASN A 343 -16.80 11.13 16.45
C ASN A 343 -16.95 10.53 17.84
N ALA A 344 -17.88 11.04 18.66
CA ALA A 344 -18.04 10.51 20.01
C ALA A 344 -18.64 9.10 19.98
N LEU A 345 -19.61 8.87 19.09
CA LEU A 345 -20.12 7.51 18.90
C LEU A 345 -19.01 6.57 18.45
N LEU A 346 -18.18 7.02 17.50
CA LEU A 346 -17.11 6.17 16.97
C LEU A 346 -16.08 5.85 18.04
N ASN A 347 -15.72 6.83 18.88
CA ASN A 347 -14.78 6.55 19.97
C ASN A 347 -15.38 5.57 20.98
N GLU A 348 -16.67 5.73 21.28
CA GLU A 348 -17.35 4.75 22.13
C GLU A 348 -17.18 3.35 21.56
N LEU A 349 -17.65 3.16 20.33
CA LEU A 349 -17.54 1.87 19.67
C LEU A 349 -16.09 1.38 19.65
N PHE A 350 -15.14 2.28 19.35
CA PHE A 350 -13.74 1.87 19.28
C PHE A 350 -13.21 1.42 20.64
N SER A 351 -13.61 2.10 21.72
CA SER A 351 -13.10 1.73 23.04
C SER A 351 -13.68 0.40 23.50
N LEU A 352 -14.95 0.13 23.19
CA LEU A 352 -15.52 -1.18 23.48
C LEU A 352 -14.82 -2.28 22.69
N MET A 353 -14.56 -2.04 21.40
CA MET A 353 -13.88 -3.02 20.57
C MET A 353 -12.47 -3.30 21.10
N ALA A 354 -11.75 -2.25 21.48
CA ALA A 354 -10.40 -2.45 22.01
C ALA A 354 -10.45 -3.22 23.32
N ARG A 355 -11.48 -2.99 24.13
CA ARG A 355 -11.61 -3.72 25.39
C ARG A 355 -11.84 -5.22 25.14
N GLU A 356 -12.71 -5.54 24.17
CA GLU A 356 -13.07 -6.92 23.89
C GLU A 356 -12.19 -7.56 22.84
N ARG A 357 -11.30 -6.79 22.20
CA ARG A 357 -10.52 -7.26 21.06
C ARG A 357 -11.42 -7.82 19.96
N SER A 358 -12.50 -7.10 19.68
CA SER A 358 -13.41 -7.51 18.62
C SER A 358 -12.71 -7.46 17.26
N ASP A 359 -13.23 -8.25 16.33
CA ASP A 359 -12.68 -8.28 14.98
C ASP A 359 -13.08 -7.00 14.26
N TYR A 360 -12.08 -6.25 13.79
CA TYR A 360 -12.33 -4.96 13.15
C TYR A 360 -13.25 -5.10 11.95
N THR A 361 -12.85 -5.94 10.99
CA THR A 361 -13.60 -6.05 9.74
C THR A 361 -15.00 -6.64 9.96
N ARG A 362 -15.10 -7.71 10.76
CA ARG A 362 -16.40 -8.35 10.98
C ARG A 362 -17.35 -7.43 11.74
N THR A 363 -16.85 -6.67 12.71
CA THR A 363 -17.70 -5.73 13.43
C THR A 363 -18.35 -4.75 12.46
N PHE A 364 -17.55 -4.13 11.58
CA PHE A 364 -18.13 -3.16 10.67
C PHE A 364 -18.97 -3.83 9.59
N ARG A 365 -18.66 -5.10 9.24
CA ARG A 365 -19.48 -5.77 8.25
C ARG A 365 -20.84 -6.16 8.82
N MET A 366 -20.87 -6.69 10.04
CA MET A 366 -22.16 -7.00 10.68
C MET A 366 -22.96 -5.74 10.95
N LEU A 367 -22.29 -4.66 11.38
CA LEU A 367 -22.98 -3.40 11.66
C LEU A 367 -23.70 -2.84 10.44
N SER A 368 -23.36 -3.33 9.24
CA SER A 368 -23.99 -2.90 8.01
C SER A 368 -25.31 -3.62 7.73
N LEU A 369 -25.62 -4.66 8.49
CA LEU A 369 -26.94 -5.27 8.45
C LEU A 369 -27.94 -4.53 9.35
N THR A 370 -27.52 -3.41 9.93
CA THR A 370 -28.32 -2.70 10.93
C THR A 370 -29.62 -2.17 10.35
N GLU A 371 -30.70 -2.35 11.09
CA GLU A 371 -31.97 -1.68 10.83
C GLU A 371 -32.24 -0.71 11.97
N GLN A 372 -32.49 0.55 11.63
CA GLN A 372 -32.41 1.61 12.63
C GLN A 372 -33.40 1.44 13.77
N HIS A 373 -34.53 0.77 13.52
CA HIS A 373 -35.61 0.71 14.50
C HIS A 373 -35.63 -0.57 15.31
N SER A 374 -34.68 -1.48 15.10
CA SER A 374 -34.65 -2.76 15.77
C SER A 374 -33.39 -2.90 16.62
N ALA A 375 -33.56 -3.44 17.82
CA ALA A 375 -32.42 -3.77 18.67
C ALA A 375 -31.74 -5.06 18.27
N ALA A 376 -32.28 -5.78 17.29
CA ALA A 376 -31.69 -7.04 16.86
C ALA A 376 -30.46 -6.80 16.00
N SER A 377 -29.43 -7.62 16.20
CA SER A 377 -28.18 -7.47 15.48
C SER A 377 -27.36 -8.73 15.64
N PRO A 378 -26.67 -9.20 14.60
CA PRO A 378 -25.70 -10.29 14.78
C PRO A 378 -24.52 -9.92 15.67
N LEU A 379 -24.38 -8.64 16.04
CA LEU A 379 -23.27 -8.21 16.89
C LEU A 379 -23.49 -8.50 18.36
N ARG A 380 -24.74 -8.76 18.77
CA ARG A 380 -25.02 -9.01 20.18
C ARG A 380 -24.31 -10.27 20.68
N ASP A 381 -24.11 -11.26 19.82
CA ASP A 381 -23.40 -12.46 20.23
C ASP A 381 -21.89 -12.30 20.20
N GLU A 382 -21.38 -11.20 19.66
CA GLU A 382 -19.94 -11.02 19.49
C GLU A 382 -19.30 -10.26 20.64
N PHE A 383 -20.09 -9.61 21.50
CA PHE A 383 -19.57 -8.88 22.64
C PHE A 383 -19.87 -9.61 23.93
N ILE A 384 -18.85 -9.86 24.74
CA ILE A 384 -19.05 -10.41 26.07
C ILE A 384 -19.90 -9.46 26.91
N ASP A 385 -19.54 -8.17 26.91
CA ASP A 385 -20.32 -7.15 27.59
C ASP A 385 -21.48 -6.74 26.68
N ARG A 386 -22.47 -7.63 26.63
CA ARG A 386 -23.65 -7.37 25.80
C ARG A 386 -24.40 -6.12 26.25
N ALA A 387 -24.39 -5.82 27.56
CA ALA A 387 -25.01 -4.60 28.04
C ALA A 387 -24.36 -3.37 27.42
N ALA A 388 -23.02 -3.36 27.34
CA ALA A 388 -22.32 -2.22 26.77
C ALA A 388 -22.72 -2.01 25.32
N PHE A 389 -22.75 -3.09 24.52
CA PHE A 389 -23.07 -2.96 23.11
C PHE A 389 -24.51 -2.53 22.90
N ASP A 390 -25.45 -3.13 23.64
CA ASP A 390 -26.85 -2.73 23.53
C ASP A 390 -27.01 -1.25 23.87
N ASP A 391 -26.27 -0.77 24.89
CA ASP A 391 -26.32 0.64 25.25
C ASP A 391 -25.69 1.52 24.18
N TRP A 392 -24.64 1.05 23.51
CA TRP A 392 -24.13 1.81 22.38
C TRP A 392 -25.04 1.71 21.16
N PHE A 393 -25.71 0.58 20.95
CA PHE A 393 -26.44 0.33 19.71
C PHE A 393 -27.67 1.22 19.57
N ALA A 394 -28.52 1.30 20.62
CA ALA A 394 -29.72 2.12 20.49
C ALA A 394 -29.39 3.60 20.41
N ARG A 395 -28.37 4.05 21.14
CA ARG A 395 -27.94 5.44 21.00
C ARG A 395 -27.32 5.68 19.63
N TYR A 396 -26.54 4.71 19.13
CA TYR A 396 -26.05 4.78 17.75
C TYR A 396 -27.21 4.74 16.77
N ARG A 397 -28.11 3.76 16.91
CA ARG A 397 -29.30 3.75 16.07
C ARG A 397 -30.13 5.01 16.27
N GLY A 398 -30.04 5.62 17.46
CA GLY A 398 -30.68 6.91 17.66
C GLY A 398 -30.19 7.96 16.67
N ARG A 399 -28.89 7.95 16.35
CA ARG A 399 -28.39 8.89 15.34
C ARG A 399 -28.86 8.53 13.95
N LEU A 400 -28.91 7.24 13.64
CA LEU A 400 -29.28 6.83 12.30
C LEU A 400 -30.67 7.34 11.94
N GLN A 401 -31.57 7.34 12.92
CA GLN A 401 -32.94 7.79 12.67
C GLN A 401 -33.02 9.30 12.41
N GLN A 402 -32.00 10.06 12.80
CA GLN A 402 -31.96 11.48 12.48
C GLN A 402 -31.54 11.77 11.04
N ASP A 403 -31.00 10.78 10.32
CA ASP A 403 -30.67 10.98 8.91
C ASP A 403 -31.91 11.07 8.03
N GLU A 404 -33.03 10.48 8.46
CA GLU A 404 -34.24 10.39 7.64
C GLU A 404 -33.96 9.64 6.34
N VAL A 405 -33.40 8.44 6.46
CA VAL A 405 -32.98 7.65 5.30
C VAL A 405 -33.39 6.20 5.51
N SER A 406 -33.74 5.53 4.40
CA SER A 406 -34.22 4.15 4.46
C SER A 406 -33.18 3.23 5.09
N ASP A 407 -33.66 2.11 5.63
CA ASP A 407 -32.76 1.02 5.95
C ASP A 407 -32.09 0.49 4.69
N SER A 408 -32.84 0.41 3.59
CA SER A 408 -32.29 -0.13 2.35
C SER A 408 -31.19 0.76 1.79
N GLU A 409 -31.35 2.08 1.92
CA GLU A 409 -30.36 2.99 1.36
C GLU A 409 -29.09 3.00 2.20
N ARG A 410 -29.23 2.93 3.53
CA ARG A 410 -28.04 2.94 4.38
C ARG A 410 -27.30 1.61 4.30
N GLN A 411 -28.03 0.50 4.29
CA GLN A 411 -27.40 -0.82 4.21
C GLN A 411 -26.64 -1.01 2.90
N GLN A 412 -27.07 -0.34 1.83
CA GLN A 412 -26.35 -0.45 0.56
C GLN A 412 -25.04 0.31 0.61
N LEU A 413 -25.07 1.54 1.14
CA LEU A 413 -23.85 2.34 1.22
C LEU A 413 -22.81 1.67 2.11
N MET A 414 -23.22 1.22 3.29
CA MET A 414 -22.27 0.58 4.21
C MET A 414 -21.67 -0.68 3.61
N GLN A 415 -22.50 -1.50 2.96
CA GLN A 415 -22.01 -2.75 2.40
C GLN A 415 -21.08 -2.54 1.21
N SER A 416 -21.02 -1.32 0.67
CA SER A 416 -20.10 -1.00 -0.40
C SER A 416 -18.82 -0.35 0.09
N VAL A 417 -18.71 -0.05 1.39
CA VAL A 417 -17.49 0.50 1.95
C VAL A 417 -16.92 -0.32 3.08
N ASN A 418 -17.70 -1.20 3.70
CA ASN A 418 -17.19 -2.05 4.77
C ASN A 418 -16.86 -3.41 4.17
N PRO A 419 -15.60 -3.76 3.97
CA PRO A 419 -15.28 -5.04 3.33
C PRO A 419 -15.81 -6.20 4.16
N ALA A 420 -16.29 -7.23 3.46
CA ALA A 420 -16.56 -8.50 4.13
C ALA A 420 -15.29 -9.29 4.37
N LEU A 421 -14.15 -8.80 3.88
CA LEU A 421 -13.00 -9.66 3.62
C LEU A 421 -11.75 -8.81 3.53
N VAL A 422 -10.72 -9.17 4.30
CA VAL A 422 -9.42 -8.49 4.24
C VAL A 422 -8.33 -9.56 4.19
N LEU A 423 -7.19 -9.17 3.66
CA LEU A 423 -6.06 -10.08 3.62
C LEU A 423 -5.50 -10.29 5.04
N ARG A 424 -6.08 -11.23 5.78
CA ARG A 424 -5.57 -11.55 7.11
C ARG A 424 -4.27 -12.34 7.00
N ASN A 425 -3.45 -12.24 8.04
CA ASN A 425 -2.12 -12.87 8.00
C ASN A 425 -2.23 -14.38 7.79
N TRP A 426 -3.21 -15.02 8.44
CA TRP A 426 -3.28 -16.47 8.35
C TRP A 426 -3.75 -16.94 6.97
N LEU A 427 -4.58 -16.15 6.28
CA LEU A 427 -4.98 -16.51 4.92
C LEU A 427 -3.78 -16.49 3.98
N ALA A 428 -2.91 -15.48 4.12
CA ALA A 428 -1.70 -15.45 3.31
C ALA A 428 -0.78 -16.63 3.63
N GLN A 429 -0.59 -16.91 4.93
CA GLN A 429 0.29 -17.99 5.34
C GLN A 429 -0.18 -19.33 4.78
N ARG A 430 -1.51 -19.53 4.72
CA ARG A 430 -2.04 -20.76 4.15
C ARG A 430 -1.75 -20.84 2.65
N ALA A 431 -1.91 -19.73 1.93
CA ALA A 431 -1.53 -19.73 0.52
C ALA A 431 -0.04 -19.99 0.36
N ILE A 432 0.76 -19.42 1.25
CA ILE A 432 2.21 -19.59 1.17
C ILE A 432 2.57 -21.06 1.38
N GLU A 433 2.04 -21.67 2.44
CA GLU A 433 2.37 -23.06 2.73
C GLU A 433 1.99 -23.98 1.59
N ALA A 434 0.80 -23.81 1.01
CA ALA A 434 0.44 -24.61 -0.14
C ALA A 434 1.38 -24.34 -1.31
N ALA A 435 1.76 -23.08 -1.50
CA ALA A 435 2.62 -22.72 -2.63
C ALA A 435 3.99 -23.36 -2.53
N GLU A 436 4.57 -23.37 -1.33
CA GLU A 436 5.90 -23.94 -1.13
C GLU A 436 5.94 -25.43 -1.42
N LYS A 437 4.79 -26.09 -1.50
CA LYS A 437 4.72 -27.51 -1.80
C LYS A 437 4.23 -27.78 -3.22
N GLY A 438 4.19 -26.76 -4.07
CA GLY A 438 3.81 -26.93 -5.45
C GLY A 438 2.33 -26.73 -5.76
N ASP A 439 1.49 -26.50 -4.76
CA ASP A 439 0.06 -26.30 -4.96
C ASP A 439 -0.25 -24.81 -4.91
N MET A 440 -0.63 -24.24 -6.06
CA MET A 440 -0.94 -22.83 -6.16
C MET A 440 -2.44 -22.55 -6.17
N THR A 441 -3.27 -23.58 -6.00
CA THR A 441 -4.71 -23.36 -6.08
C THR A 441 -5.22 -22.46 -4.97
N GLU A 442 -4.60 -22.52 -3.79
CA GLU A 442 -5.01 -21.65 -2.71
C GLU A 442 -4.62 -20.20 -3.00
N LEU A 443 -3.40 -20.00 -3.52
CA LEU A 443 -2.98 -18.65 -3.87
C LEU A 443 -3.89 -18.03 -4.91
N HIS A 444 -4.29 -18.79 -5.93
CA HIS A 444 -5.21 -18.28 -6.94
C HIS A 444 -6.59 -18.03 -6.35
N ARG A 445 -7.01 -18.88 -5.41
CA ARG A 445 -8.35 -18.74 -4.83
C ARG A 445 -8.44 -17.50 -3.96
N LEU A 446 -7.46 -17.31 -3.07
CA LEU A 446 -7.44 -16.12 -2.23
C LEU A 446 -7.41 -14.85 -3.08
N HIS A 447 -6.60 -14.85 -4.15
CA HIS A 447 -6.57 -13.70 -5.04
C HIS A 447 -7.95 -13.44 -5.63
N GLU A 448 -8.68 -14.49 -6.00
CA GLU A 448 -10.00 -14.30 -6.58
C GLU A 448 -10.95 -13.68 -5.57
N ALA A 449 -10.89 -14.14 -4.32
CA ALA A 449 -11.74 -13.57 -3.27
C ALA A 449 -11.43 -12.10 -3.05
N LEU A 450 -10.15 -11.73 -3.03
CA LEU A 450 -9.77 -10.35 -2.78
C LEU A 450 -10.14 -9.41 -3.91
N ARG A 451 -10.61 -9.93 -5.05
CA ARG A 451 -11.15 -9.06 -6.08
C ARG A 451 -12.57 -8.60 -5.78
N ASN A 452 -13.27 -9.30 -4.89
CA ASN A 452 -14.66 -8.98 -4.52
C ASN A 452 -14.72 -8.87 -3.00
N PRO A 453 -14.03 -7.88 -2.43
CA PRO A 453 -13.97 -7.80 -0.97
C PRO A 453 -15.27 -7.33 -0.34
N PHE A 454 -16.16 -6.68 -1.09
CA PHE A 454 -17.43 -6.22 -0.54
C PHE A 454 -18.57 -7.20 -0.79
N SER A 455 -18.27 -8.44 -1.15
CA SER A 455 -19.27 -9.47 -1.38
C SER A 455 -19.20 -10.52 -0.28
N ASP A 456 -20.33 -10.79 0.36
CA ASP A 456 -20.36 -11.72 1.48
C ASP A 456 -20.12 -13.15 1.01
N ARG A 457 -19.49 -13.94 1.87
CA ARG A 457 -19.13 -15.32 1.56
C ARG A 457 -19.59 -16.25 2.67
N ASP A 458 -19.55 -17.54 2.37
CA ASP A 458 -19.93 -18.59 3.29
C ASP A 458 -18.74 -19.36 3.86
N ASP A 459 -17.53 -19.12 3.37
CA ASP A 459 -16.35 -19.91 3.71
C ASP A 459 -15.54 -19.20 4.80
N ASP A 460 -14.36 -19.76 5.09
CA ASP A 460 -13.50 -19.25 6.15
C ASP A 460 -12.69 -18.01 5.75
N TYR A 461 -12.83 -17.54 4.51
CA TYR A 461 -12.18 -16.30 4.10
C TYR A 461 -12.69 -15.08 4.86
N VAL A 462 -13.82 -15.20 5.55
CA VAL A 462 -14.39 -14.10 6.33
C VAL A 462 -14.37 -14.39 7.83
N SER A 463 -13.79 -15.49 8.26
CA SER A 463 -13.79 -15.84 9.67
C SER A 463 -12.61 -15.17 10.38
N ARG A 464 -12.73 -15.11 11.71
CA ARG A 464 -11.60 -14.68 12.52
C ARG A 464 -10.49 -15.71 12.45
N PRO A 465 -9.23 -15.31 12.68
CA PRO A 465 -8.14 -16.26 12.59
C PRO A 465 -8.31 -17.38 13.59
N PRO A 466 -7.77 -18.56 13.31
CA PRO A 466 -8.03 -19.74 14.15
C PRO A 466 -7.42 -19.67 15.55
N ASP A 467 -6.58 -18.68 15.85
CA ASP A 467 -6.01 -18.52 17.19
C ASP A 467 -5.24 -19.76 17.63
MG MG B . 12.08 -0.75 0.88
#